data_6IQZ
#
_entry.id   6IQZ
#
_cell.length_a   138.342
_cell.length_b   83.553
_cell.length_c   52.690
_cell.angle_alpha   90.00
_cell.angle_beta   95.73
_cell.angle_gamma   90.00
#
_symmetry.space_group_name_H-M   'C 1 2 1'
#
loop_
_entity.id
_entity.type
_entity.pdbx_description
1 polymer 'Bilirubin oxidase'
2 branched alpha-D-mannopyranose-(1-4)-2-acetamido-2-deoxy-beta-D-glucopyranose-(1-4)-2-acetamido-2-deoxy-beta-D-glucopyranose
3 non-polymer 'COPPER (II) ION'
4 non-polymer 2-acetamido-2-deoxy-beta-D-glucopyranose
5 non-polymer GLYCEROL
6 water water
#
_entity_poly.entity_id   1
_entity_poly.type   'polypeptide(L)'
_entity_poly.pdbx_seq_one_letter_code
;YVEFVAQISPQYPMFTVPLPIPPVKQPRLTVTNPVNGQEIWYYEVEIKPFTHQVYPDLGSADLVGYDGMSPGPTFQVPRG
VETVVRFINNAEAPNSVHLHGSFSRAAFDGWAEDITEPGSFKDYYYPNRQSARTLWYHDHAMHITAENAYRGQAGLYMLT
DPAEDALNLPSGYGEFDIPMILTSKQYTANGNLVTTNGELNSFWGDVIHVNGQPWPFKNVEPRKYRFRFLDAAVSRSFGL
YFADTDAIDTRLPFKVIASDSGLLEHPADTSLLYISMAERYEVVFDFSDYAGKTIELRNLGGSIGGIGTDTDYDNTDKVM
RFVVADDTTQPDTSVVPANLRDVPFPSPTTNTPRQFRFGRTGPTWTINGVAFADVQNRLLANVPVGTVERWELINAGNGW
THPIHIHLVDFKVISRTSGNNARTVMPYESGLKDVVWLGRRETVVVEAHYAPFPGVYMFHCHNLIHEDHDMMAAFNATVL
PDYGYNATVFVDPMEELWQARPYELGEFQAQSGQFSVQAVTERIQTMAEYRPYAAADE
;
_entity_poly.pdbx_strand_id   A
#
loop_
_chem_comp.id
_chem_comp.type
_chem_comp.name
_chem_comp.formula
CU non-polymer 'COPPER (II) ION' 'Cu 2'
GOL non-polymer GLYCEROL 'C3 H8 O3'
MAN D-saccharide, alpha linking alpha-D-mannopyranose 'C6 H12 O6'
NAG D-saccharide, beta linking 2-acetamido-2-deoxy-beta-D-glucopyranose 'C8 H15 N O6'
#
# COMPACT_ATOMS: atom_id res chain seq x y z
N GLU A 3 9.75 5.00 27.92
CA GLU A 3 11.13 4.76 27.50
C GLU A 3 11.32 4.94 26.00
N PHE A 4 12.21 5.84 25.67
CA PHE A 4 12.51 6.16 24.30
C PHE A 4 13.94 6.70 24.20
N VAL A 5 14.47 6.64 23.00
CA VAL A 5 15.81 6.97 22.63
C VAL A 5 15.86 8.40 22.14
N ALA A 6 17.00 9.06 22.31
CA ALA A 6 17.14 10.43 21.83
C ALA A 6 17.03 10.51 20.33
N GLN A 7 16.37 11.54 19.86
CA GLN A 7 16.24 11.77 18.44
C GLN A 7 17.63 11.99 17.82
N ILE A 8 17.86 11.38 16.66
CA ILE A 8 19.12 11.48 15.93
C ILE A 8 19.08 12.57 14.85
N SER A 9 17.97 12.61 14.11
CA SER A 9 17.75 13.65 13.11
C SER A 9 17.72 15.03 13.75
N PRO A 10 18.06 16.07 12.96
CA PRO A 10 18.02 17.43 13.50
C PRO A 10 16.63 17.80 14.03
N GLN A 11 16.59 18.72 14.98
CA GLN A 11 15.33 19.21 15.49
C GLN A 11 14.49 19.84 14.39
N TYR A 12 13.21 19.49 14.35
CA TYR A 12 12.28 19.99 13.36
C TYR A 12 11.26 20.95 14.00
N PRO A 13 10.81 22.00 13.26
CA PRO A 13 9.75 22.92 13.69
C PRO A 13 8.35 22.27 13.66
N MET A 14 8.03 21.56 14.73
CA MET A 14 6.83 20.73 14.81
CA MET A 14 6.83 20.76 14.85
C MET A 14 5.51 21.46 14.52
N PHE A 15 4.72 20.84 13.66
CA PHE A 15 3.34 21.26 13.41
C PHE A 15 3.21 22.67 12.87
N THR A 16 4.12 23.07 11.99
CA THR A 16 4.10 24.42 11.40
C THR A 16 3.81 24.41 9.91
N VAL A 17 3.91 23.25 9.27
CA VAL A 17 3.69 23.14 7.83
C VAL A 17 2.38 22.42 7.55
N PRO A 18 1.52 22.98 6.67
CA PRO A 18 0.24 22.32 6.41
C PRO A 18 0.41 20.97 5.74
N LEU A 19 -0.50 20.06 6.06
CA LEU A 19 -0.54 18.74 5.42
C LEU A 19 -0.68 18.87 3.91
N PRO A 20 0.30 18.33 3.16
CA PRO A 20 0.12 18.34 1.72
C PRO A 20 -0.84 17.24 1.27
N ILE A 21 -1.53 17.51 0.17
CA ILE A 21 -2.41 16.56 -0.47
C ILE A 21 -1.87 16.24 -1.86
N PRO A 22 -1.51 14.96 -2.11
CA PRO A 22 -1.01 14.64 -3.46
C PRO A 22 -2.06 14.97 -4.52
N PRO A 23 -1.63 15.51 -5.66
CA PRO A 23 -2.59 15.85 -6.71
C PRO A 23 -3.15 14.61 -7.36
N VAL A 24 -4.33 14.71 -7.94
CA VAL A 24 -4.91 13.59 -8.67
C VAL A 24 -4.18 13.45 -10.00
N LYS A 25 -3.82 12.23 -10.34
CA LYS A 25 -3.22 11.90 -11.62
C LYS A 25 -4.30 11.77 -12.69
N GLN A 26 -4.19 12.55 -13.77
CA GLN A 26 -5.16 12.46 -14.84
C GLN A 26 -4.64 11.59 -15.97
N PRO A 27 -5.54 10.82 -16.59
CA PRO A 27 -5.09 10.05 -17.77
C PRO A 27 -4.75 10.96 -18.94
N ARG A 28 -3.83 10.49 -19.79
CA ARG A 28 -3.50 11.23 -20.99
C ARG A 28 -4.62 11.15 -22.03
N LEU A 29 -5.16 9.95 -22.20
CA LEU A 29 -6.17 9.72 -23.23
C LEU A 29 -6.91 8.44 -22.91
N THR A 30 -7.93 8.13 -23.72
CA THR A 30 -8.61 6.84 -23.62
C THR A 30 -8.51 6.11 -24.94
N VAL A 31 -8.49 4.77 -24.86
CA VAL A 31 -8.41 3.91 -26.02
C VAL A 31 -9.61 2.98 -26.00
N THR A 32 -10.30 2.84 -27.15
CA THR A 32 -11.44 1.93 -27.22
C THR A 32 -10.97 0.49 -27.21
N ASN A 33 -11.51 -0.30 -26.30
CA ASN A 33 -11.24 -1.74 -26.27
C ASN A 33 -11.91 -2.38 -27.47
N PRO A 34 -11.12 -3.02 -28.36
CA PRO A 34 -11.73 -3.57 -29.57
C PRO A 34 -12.64 -4.75 -29.28
N VAL A 35 -12.44 -5.40 -28.15
CA VAL A 35 -13.27 -6.55 -27.77
C VAL A 35 -14.69 -6.11 -27.44
N ASN A 36 -14.84 -5.14 -26.54
CA ASN A 36 -16.17 -4.79 -26.07
C ASN A 36 -16.62 -3.35 -26.31
N GLY A 37 -15.78 -2.53 -26.93
CA GLY A 37 -16.15 -1.17 -27.25
C GLY A 37 -16.11 -0.19 -26.07
N GLN A 38 -15.58 -0.61 -24.93
CA GLN A 38 -15.50 0.27 -23.77
C GLN A 38 -14.16 0.98 -23.70
N GLU A 39 -14.13 2.14 -23.06
CA GLU A 39 -12.91 2.95 -23.03
C GLU A 39 -11.96 2.50 -21.93
N ILE A 40 -10.68 2.40 -22.29
CA ILE A 40 -9.58 2.08 -21.40
C ILE A 40 -8.81 3.37 -21.14
N TRP A 41 -8.57 3.72 -19.87
CA TRP A 41 -7.85 4.96 -19.58
C TRP A 41 -6.35 4.69 -19.57
N TYR A 42 -5.60 5.54 -20.27
CA TYR A 42 -4.16 5.40 -20.39
C TYR A 42 -3.43 6.53 -19.67
N TYR A 43 -2.45 6.15 -18.87
CA TYR A 43 -1.63 7.10 -18.10
C TYR A 43 -0.15 6.92 -18.40
N GLU A 44 0.61 8.02 -18.31
CA GLU A 44 2.07 7.95 -18.33
C GLU A 44 2.61 8.50 -17.02
N VAL A 45 3.48 7.74 -16.38
CA VAL A 45 4.12 8.15 -15.13
C VAL A 45 5.62 8.08 -15.31
N GLU A 46 6.33 9.18 -15.07
CA GLU A 46 7.77 9.21 -15.24
C GLU A 46 8.47 9.13 -13.89
N ILE A 47 9.22 8.05 -13.69
CA ILE A 47 9.98 7.89 -12.47
C ILE A 47 11.27 8.68 -12.61
N LYS A 48 11.50 9.65 -11.72
CA LYS A 48 12.66 10.51 -11.88
C LYS A 48 13.15 11.10 -10.56
N PRO A 49 14.44 11.41 -10.49
CA PRO A 49 15.00 12.05 -9.30
C PRO A 49 14.56 13.49 -9.15
N PHE A 50 14.45 13.94 -7.91
CA PHE A 50 14.15 15.33 -7.64
C PHE A 50 14.68 15.69 -6.27
N THR A 51 14.78 16.99 -6.03
CA THR A 51 15.26 17.50 -4.77
CA THR A 51 15.29 17.53 -4.80
C THR A 51 14.11 18.07 -3.98
N HIS A 52 14.11 17.81 -2.67
CA HIS A 52 13.01 18.30 -1.84
C HIS A 52 13.53 18.88 -0.54
N GLN A 53 13.17 20.12 -0.27
CA GLN A 53 13.58 20.79 0.96
CA GLN A 53 13.57 20.80 0.96
C GLN A 53 12.66 20.38 2.11
N VAL A 54 13.16 19.53 2.99
CA VAL A 54 12.36 19.04 4.11
C VAL A 54 12.53 19.93 5.35
N TYR A 55 13.77 20.25 5.69
CA TYR A 55 14.09 21.14 6.79
C TYR A 55 14.29 22.55 6.26
N PRO A 56 13.46 23.50 6.72
CA PRO A 56 13.52 24.89 6.24
C PRO A 56 14.90 25.51 6.29
N ASP A 57 15.66 25.22 7.34
CA ASP A 57 16.91 25.94 7.57
C ASP A 57 18.17 25.13 7.28
N LEU A 58 18.00 24.01 6.58
CA LEU A 58 19.14 23.16 6.24
C LEU A 58 19.20 22.97 4.73
N GLY A 59 19.99 21.99 4.28
CA GLY A 59 20.03 21.61 2.89
C GLY A 59 18.80 20.80 2.50
N SER A 60 18.82 20.24 1.29
N SER A 60 18.84 20.21 1.31
CA SER A 60 17.67 19.48 0.78
CA SER A 60 17.69 19.46 0.84
C SER A 60 17.94 17.99 0.70
C SER A 60 17.91 17.95 0.86
N ALA A 61 16.87 17.22 0.49
CA ALA A 61 16.94 15.76 0.41
C ALA A 61 16.85 15.28 -1.03
N ASP A 62 17.60 14.22 -1.34
CA ASP A 62 17.59 13.61 -2.66
C ASP A 62 16.55 12.51 -2.74
N LEU A 63 15.51 12.70 -3.54
N LEU A 63 15.52 12.71 -3.54
CA LEU A 63 14.44 11.73 -3.67
CA LEU A 63 14.43 11.75 -3.67
C LEU A 63 14.29 11.25 -5.11
C LEU A 63 14.32 11.22 -5.11
N VAL A 64 13.55 10.15 -5.28
CA VAL A 64 13.22 9.64 -6.62
C VAL A 64 11.77 9.20 -6.55
N GLY A 65 10.94 9.75 -7.42
CA GLY A 65 9.52 9.52 -7.27
C GLY A 65 8.75 9.43 -8.58
N TYR A 66 7.55 8.88 -8.47
CA TYR A 66 6.62 8.85 -9.58
C TYR A 66 6.21 10.27 -9.94
N ASP A 67 6.41 10.65 -11.20
CA ASP A 67 6.19 12.02 -11.68
C ASP A 67 6.98 13.04 -10.87
N GLY A 68 8.13 12.61 -10.34
CA GLY A 68 9.02 13.54 -9.65
C GLY A 68 8.44 14.16 -8.39
N MET A 69 7.58 13.42 -7.71
N MET A 69 7.62 13.39 -7.69
CA MET A 69 7.04 13.88 -6.44
CA MET A 69 7.01 13.85 -6.46
C MET A 69 6.91 12.71 -5.48
C MET A 69 6.88 12.69 -5.49
N SER A 70 6.76 13.01 -4.20
CA SER A 70 6.54 11.99 -3.18
C SER A 70 5.62 12.53 -2.10
N PRO A 71 4.50 11.86 -1.82
CA PRO A 71 3.94 10.68 -2.49
C PRO A 71 3.69 10.92 -3.97
N GLY A 72 3.60 9.84 -4.72
CA GLY A 72 3.23 9.95 -6.12
C GLY A 72 1.83 10.48 -6.22
N PRO A 73 1.42 10.87 -7.43
CA PRO A 73 0.08 11.42 -7.58
C PRO A 73 -0.98 10.33 -7.33
N THR A 74 -2.17 10.75 -6.93
CA THR A 74 -3.25 9.83 -6.55
C THR A 74 -4.10 9.47 -7.76
N PHE A 75 -4.19 8.19 -8.07
CA PHE A 75 -5.13 7.74 -9.09
C PHE A 75 -6.54 7.65 -8.51
N GLN A 76 -7.53 7.96 -9.33
CA GLN A 76 -8.94 7.80 -8.94
CA GLN A 76 -8.94 7.82 -8.94
C GLN A 76 -9.67 7.13 -10.09
N VAL A 77 -9.99 5.85 -9.90
CA VAL A 77 -10.50 5.03 -11.00
C VAL A 77 -11.82 4.38 -10.59
N PRO A 78 -12.87 4.52 -11.43
CA PRO A 78 -14.13 3.84 -11.11
C PRO A 78 -14.09 2.35 -11.42
N ARG A 79 -14.72 1.56 -10.55
CA ARG A 79 -14.88 0.13 -10.80
C ARG A 79 -15.40 -0.14 -12.20
N GLY A 80 -14.76 -1.08 -12.89
CA GLY A 80 -15.20 -1.50 -14.20
C GLY A 80 -14.42 -0.87 -15.35
N VAL A 81 -13.67 0.18 -15.07
CA VAL A 81 -12.87 0.85 -16.09
C VAL A 81 -11.45 0.34 -16.05
N GLU A 82 -11.03 -0.33 -17.12
CA GLU A 82 -9.66 -0.82 -17.17
C GLU A 82 -8.69 0.32 -17.37
N THR A 83 -7.50 0.18 -16.81
CA THR A 83 -6.48 1.20 -17.00
C THR A 83 -5.20 0.57 -17.49
N VAL A 84 -4.45 1.34 -18.28
CA VAL A 84 -3.09 0.98 -18.63
C VAL A 84 -2.20 2.12 -18.17
N VAL A 85 -1.21 1.80 -17.35
CA VAL A 85 -0.25 2.79 -16.88
C VAL A 85 1.11 2.43 -17.41
N ARG A 86 1.69 3.38 -18.17
CA ARG A 86 3.05 3.27 -18.66
C ARG A 86 3.98 3.88 -17.63
N PHE A 87 4.75 3.04 -16.96
CA PHE A 87 5.71 3.54 -15.99
C PHE A 87 7.06 3.64 -16.69
N ILE A 88 7.56 4.85 -16.81
CA ILE A 88 8.73 5.19 -17.59
C ILE A 88 9.90 5.43 -16.64
N ASN A 89 10.95 4.61 -16.75
CA ASN A 89 12.08 4.78 -15.83
C ASN A 89 13.06 5.80 -16.39
N ASN A 90 13.11 6.96 -15.75
CA ASN A 90 14.09 7.98 -16.08
C ASN A 90 14.91 8.26 -14.83
N ALA A 91 15.25 7.19 -14.12
CA ALA A 91 16.07 7.28 -12.92
C ALA A 91 17.40 6.55 -13.10
N GLU A 92 18.01 6.09 -12.00
CA GLU A 92 19.33 5.46 -12.08
C GLU A 92 19.38 4.04 -11.51
N ALA A 93 18.24 3.55 -11.06
CA ALA A 93 18.13 2.17 -10.57
C ALA A 93 16.89 1.55 -11.20
N PRO A 94 16.87 0.21 -11.32
CA PRO A 94 15.68 -0.45 -11.86
C PRO A 94 14.45 -0.27 -10.98
N ASN A 95 13.27 -0.50 -11.55
CA ASN A 95 12.02 -0.46 -10.79
C ASN A 95 11.13 -1.61 -11.19
N SER A 96 10.18 -1.93 -10.33
CA SER A 96 9.12 -2.88 -10.65
C SER A 96 7.91 -2.42 -9.88
N VAL A 97 6.82 -2.06 -10.57
CA VAL A 97 5.67 -1.48 -9.88
C VAL A 97 4.69 -2.53 -9.41
N HIS A 98 4.34 -2.50 -8.13
CA HIS A 98 3.27 -3.31 -7.61
C HIS A 98 2.06 -2.45 -7.26
N LEU A 99 0.93 -2.73 -7.91
CA LEU A 99 -0.33 -2.14 -7.47
C LEU A 99 -0.93 -3.04 -6.39
N HIS A 100 -0.66 -2.63 -5.17
CA HIS A 100 -1.05 -3.37 -3.98
C HIS A 100 -2.54 -3.26 -3.72
N GLY A 101 -3.22 -4.40 -3.75
CA GLY A 101 -4.65 -4.45 -3.57
C GLY A 101 -5.42 -4.85 -4.82
N SER A 102 -4.71 -5.12 -5.90
CA SER A 102 -5.33 -5.41 -7.20
C SER A 102 -5.04 -6.84 -7.64
N PHE A 103 -6.06 -7.59 -8.08
CA PHE A 103 -5.82 -8.94 -8.62
C PHE A 103 -5.33 -8.90 -10.09
N SER A 104 -4.25 -8.15 -10.31
CA SER A 104 -3.63 -8.05 -11.62
C SER A 104 -3.07 -9.38 -12.09
N ARG A 105 -2.92 -9.56 -13.40
CA ARG A 105 -2.22 -10.76 -13.87
C ARG A 105 -0.77 -10.74 -13.41
N ALA A 106 -0.15 -11.90 -13.39
CA ALA A 106 1.20 -12.05 -12.84
C ALA A 106 2.23 -11.10 -13.44
N ALA A 107 2.15 -10.86 -14.74
CA ALA A 107 3.12 -9.99 -15.42
C ALA A 107 2.81 -8.49 -15.24
N PHE A 108 1.70 -8.17 -14.58
CA PHE A 108 1.34 -6.79 -14.29
C PHE A 108 1.29 -6.55 -12.79
N ASP A 109 1.89 -7.43 -11.99
CA ASP A 109 1.68 -7.40 -10.54
C ASP A 109 2.88 -6.92 -9.75
N GLY A 110 4.00 -6.67 -10.43
CA GLY A 110 5.19 -6.21 -9.73
C GLY A 110 6.09 -7.30 -9.18
N TRP A 111 6.12 -8.44 -9.88
CA TRP A 111 7.07 -9.50 -9.58
C TRP A 111 8.47 -8.92 -9.41
N ALA A 112 9.19 -9.35 -8.38
CA ALA A 112 10.41 -8.66 -7.97
C ALA A 112 11.50 -8.70 -9.03
N GLU A 113 11.50 -9.74 -9.85
CA GLU A 113 12.48 -9.88 -10.93
C GLU A 113 12.03 -9.22 -12.23
N ASP A 114 10.76 -8.81 -12.29
CA ASP A 114 10.18 -8.23 -13.48
C ASP A 114 10.48 -6.73 -13.53
N ILE A 115 11.75 -6.41 -13.82
CA ILE A 115 12.21 -5.04 -13.63
C ILE A 115 12.26 -4.26 -14.94
N THR A 116 12.16 -2.96 -14.78
CA THR A 116 12.36 -1.99 -15.84
C THR A 116 13.68 -1.27 -15.55
N GLU A 117 14.61 -1.29 -16.50
CA GLU A 117 15.89 -0.57 -16.33
C GLU A 117 15.71 0.90 -16.70
N PRO A 118 16.61 1.78 -16.19
CA PRO A 118 16.62 3.16 -16.68
C PRO A 118 16.69 3.18 -18.21
N GLY A 119 15.89 4.04 -18.83
CA GLY A 119 15.84 4.11 -20.28
C GLY A 119 14.85 3.15 -20.90
N SER A 120 14.05 2.50 -20.06
CA SER A 120 12.98 1.61 -20.49
C SER A 120 11.67 1.98 -19.79
N PHE A 121 10.56 1.50 -20.35
CA PHE A 121 9.25 1.66 -19.72
C PHE A 121 8.55 0.32 -19.73
N LYS A 122 7.50 0.19 -18.93
CA LYS A 122 6.63 -1.00 -19.00
C LYS A 122 5.19 -0.57 -18.89
N ASP A 123 4.35 -1.18 -19.73
CA ASP A 123 2.90 -0.97 -19.69
C ASP A 123 2.24 -1.99 -18.76
N TYR A 124 1.61 -1.48 -17.71
CA TYR A 124 0.84 -2.29 -16.77
C TYR A 124 -0.65 -2.19 -17.07
N TYR A 125 -1.32 -3.33 -17.18
CA TYR A 125 -2.72 -3.38 -17.57
C TYR A 125 -3.51 -3.85 -16.35
N TYR A 126 -4.33 -2.96 -15.81
CA TYR A 126 -5.05 -3.23 -14.55
C TYR A 126 -6.54 -3.43 -14.75
N PRO A 127 -7.15 -4.34 -13.97
CA PRO A 127 -8.54 -4.74 -14.18
C PRO A 127 -9.58 -3.81 -13.56
N ASN A 128 -9.28 -3.30 -12.35
CA ASN A 128 -10.18 -2.40 -11.63
C ASN A 128 -11.60 -2.94 -11.49
N ARG A 129 -11.70 -4.22 -11.15
CA ARG A 129 -13.01 -4.87 -11.04
C ARG A 129 -13.40 -5.16 -9.61
N GLN A 130 -12.44 -5.10 -8.69
CA GLN A 130 -12.70 -5.44 -7.30
C GLN A 130 -13.46 -4.36 -6.56
N SER A 131 -13.89 -4.69 -5.34
CA SER A 131 -14.63 -3.75 -4.51
C SER A 131 -13.87 -2.45 -4.31
N ALA A 132 -14.60 -1.35 -4.18
CA ALA A 132 -14.02 -0.05 -3.87
C ALA A 132 -13.10 -0.21 -2.66
N ARG A 133 -11.90 0.36 -2.76
CA ARG A 133 -10.89 0.17 -1.75
C ARG A 133 -9.79 1.19 -1.99
N THR A 134 -8.95 1.37 -0.99
CA THR A 134 -7.76 2.20 -1.16
C THR A 134 -6.60 1.28 -1.48
N LEU A 135 -6.19 1.27 -2.75
CA LEU A 135 -4.97 0.60 -3.17
C LEU A 135 -3.81 1.56 -3.04
N TRP A 136 -2.60 1.03 -3.20
CA TRP A 136 -1.45 1.91 -3.36
C TRP A 136 -0.46 1.23 -4.29
N TYR A 137 0.32 2.05 -4.98
CA TYR A 137 1.28 1.53 -5.95
C TYR A 137 2.67 1.92 -5.47
N HIS A 138 3.60 0.98 -5.52
CA HIS A 138 4.92 1.22 -4.96
C HIS A 138 5.95 0.30 -5.58
N ASP A 139 7.22 0.63 -5.38
CA ASP A 139 8.24 -0.18 -6.00
C ASP A 139 8.41 -1.52 -5.32
N HIS A 140 8.86 -2.48 -6.13
CA HIS A 140 8.99 -3.86 -5.68
C HIS A 140 10.23 -4.54 -6.29
N ALA A 141 11.19 -3.76 -6.78
CA ALA A 141 12.36 -4.35 -7.46
C ALA A 141 13.23 -5.17 -6.50
N MET A 142 13.65 -6.35 -6.95
CA MET A 142 14.35 -7.27 -6.07
C MET A 142 15.59 -6.65 -5.41
N HIS A 143 15.62 -6.82 -4.09
CA HIS A 143 16.70 -6.43 -3.18
C HIS A 143 16.94 -4.92 -3.03
N ILE A 144 16.17 -4.10 -3.75
CA ILE A 144 16.29 -2.65 -3.60
C ILE A 144 14.95 -1.98 -3.30
N THR A 145 13.98 -2.76 -2.86
CA THR A 145 12.63 -2.25 -2.61
C THR A 145 12.62 -1.25 -1.45
N ALA A 146 13.35 -1.53 -0.39
CA ALA A 146 13.33 -0.66 0.78
C ALA A 146 13.82 0.73 0.38
N GLU A 147 14.96 0.80 -0.30
CA GLU A 147 15.50 2.10 -0.65
C GLU A 147 14.64 2.81 -1.70
N ASN A 148 14.11 2.07 -2.68
CA ASN A 148 13.27 2.72 -3.70
C ASN A 148 11.98 3.27 -3.08
N ALA A 149 11.36 2.53 -2.19
CA ALA A 149 10.14 3.04 -1.54
C ALA A 149 10.46 4.20 -0.61
N TYR A 150 11.52 4.06 0.16
CA TYR A 150 11.97 5.06 1.10
C TYR A 150 12.25 6.40 0.42
N ARG A 151 12.88 6.33 -0.75
CA ARG A 151 13.27 7.56 -1.46
C ARG A 151 12.12 8.16 -2.24
N GLY A 152 10.97 7.48 -2.30
CA GLY A 152 9.78 8.16 -2.75
C GLY A 152 8.84 7.41 -3.67
N GLN A 153 9.15 6.17 -4.03
CA GLN A 153 8.28 5.47 -4.99
C GLN A 153 7.10 4.75 -4.31
N ALA A 154 6.11 5.55 -3.92
CA ALA A 154 4.83 5.08 -3.40
C ALA A 154 3.77 6.15 -3.64
N GLY A 155 2.56 5.73 -4.00
CA GLY A 155 1.45 6.63 -4.21
C GLY A 155 0.14 5.90 -3.99
N LEU A 156 -0.95 6.65 -3.94
CA LEU A 156 -2.27 6.08 -3.69
CA LEU A 156 -2.28 6.10 -3.66
C LEU A 156 -3.04 5.84 -4.97
N TYR A 157 -3.92 4.84 -4.93
CA TYR A 157 -4.73 4.50 -6.09
C TYR A 157 -6.12 4.14 -5.55
N MET A 158 -7.06 5.07 -5.70
CA MET A 158 -8.39 4.86 -5.15
C MET A 158 -9.30 4.23 -6.19
N LEU A 159 -9.83 3.05 -5.87
CA LEU A 159 -10.82 2.40 -6.70
C LEU A 159 -12.19 2.75 -6.13
N THR A 160 -13.02 3.40 -6.94
CA THR A 160 -14.28 3.96 -6.47
C THR A 160 -15.48 3.20 -7.03
N ASP A 161 -16.61 3.30 -6.33
CA ASP A 161 -17.84 2.60 -6.71
C ASP A 161 -19.01 3.54 -6.43
N PRO A 162 -19.80 3.88 -7.46
CA PRO A 162 -20.92 4.81 -7.25
C PRO A 162 -21.94 4.29 -6.25
N ALA A 163 -21.98 2.98 -6.06
CA ALA A 163 -22.89 2.37 -5.11
C ALA A 163 -22.57 2.78 -3.68
N GLU A 164 -21.29 3.08 -3.42
CA GLU A 164 -20.90 3.46 -2.08
C GLU A 164 -21.14 4.94 -1.83
N ASP A 165 -21.33 5.71 -2.89
CA ASP A 165 -21.61 7.14 -2.74
C ASP A 165 -22.95 7.36 -2.06
N ALA A 166 -23.87 6.42 -2.23
CA ALA A 166 -25.18 6.49 -1.59
C ALA A 166 -25.08 6.39 -0.07
N LEU A 167 -23.93 5.95 0.43
CA LEU A 167 -23.76 5.80 1.87
C LEU A 167 -23.62 7.16 2.53
N ASN A 168 -23.27 8.18 1.74
CA ASN A 168 -23.20 9.56 2.21
C ASN A 168 -22.12 9.75 3.29
N LEU A 169 -21.02 9.01 3.16
CA LEU A 169 -19.84 9.20 4.01
C LEU A 169 -19.21 10.55 3.70
N PRO A 170 -18.38 11.09 4.61
CA PRO A 170 -17.66 12.33 4.30
C PRO A 170 -16.90 12.21 2.99
N SER A 171 -16.97 13.23 2.14
CA SER A 171 -16.47 13.05 0.79
C SER A 171 -15.70 14.24 0.26
N GLY A 172 -15.11 14.05 -0.91
CA GLY A 172 -14.37 15.09 -1.60
C GLY A 172 -12.89 14.93 -1.30
N TYR A 173 -12.15 14.42 -2.27
CA TYR A 173 -10.72 14.24 -2.11
C TYR A 173 -10.03 15.55 -1.77
N GLY A 174 -9.34 15.57 -0.65
CA GLY A 174 -8.67 16.77 -0.18
C GLY A 174 -9.58 17.76 0.50
N GLU A 175 -10.88 17.44 0.58
CA GLU A 175 -11.81 18.31 1.27
C GLU A 175 -12.21 17.66 2.60
N PHE A 176 -13.07 16.65 2.55
CA PHE A 176 -13.39 15.92 3.78
C PHE A 176 -12.99 14.44 3.69
N ASP A 177 -12.33 14.08 2.59
CA ASP A 177 -11.81 12.73 2.36
C ASP A 177 -10.31 12.91 2.17
N ILE A 178 -9.54 12.57 3.20
CA ILE A 178 -8.15 13.00 3.29
C ILE A 178 -7.17 11.82 3.30
N PRO A 179 -6.23 11.79 2.34
CA PRO A 179 -5.19 10.76 2.39
C PRO A 179 -4.23 10.99 3.56
N MET A 180 -3.85 9.90 4.20
CA MET A 180 -2.95 9.95 5.35
C MET A 180 -1.87 8.89 5.21
N ILE A 181 -0.88 9.21 4.39
CA ILE A 181 0.19 8.28 4.10
C ILE A 181 1.31 8.47 5.12
N LEU A 182 1.51 7.47 5.96
CA LEU A 182 2.47 7.55 7.06
C LEU A 182 3.83 6.98 6.66
N THR A 183 4.89 7.73 6.94
CA THR A 183 6.24 7.20 6.81
C THR A 183 7.07 7.59 8.03
N SER A 184 8.21 6.94 8.17
CA SER A 184 9.12 7.16 9.31
C SER A 184 10.55 7.09 8.79
N LYS A 185 11.24 8.24 8.80
CA LYS A 185 12.55 8.32 8.15
C LYS A 185 13.57 8.95 9.09
N GLN A 186 14.78 9.10 8.59
CA GLN A 186 15.86 9.71 9.37
C GLN A 186 16.64 10.63 8.47
N TYR A 187 17.11 11.75 9.04
CA TYR A 187 17.82 12.77 8.27
C TYR A 187 19.22 13.05 8.82
N THR A 188 20.10 13.47 7.93
CA THR A 188 21.46 13.87 8.29
C THR A 188 21.45 15.28 8.86
N ALA A 189 22.58 15.69 9.43
CA ALA A 189 22.69 17.03 10.02
C ALA A 189 22.43 18.13 8.99
N ASN A 190 22.63 17.83 7.70
CA ASN A 190 22.39 18.84 6.67
C ASN A 190 21.05 18.67 5.92
N GLY A 191 20.16 17.84 6.45
CA GLY A 191 18.79 17.74 5.96
C GLY A 191 18.55 16.78 4.81
N ASN A 192 19.55 15.97 4.48
CA ASN A 192 19.35 14.92 3.48
C ASN A 192 18.84 13.66 4.18
N LEU A 193 18.29 12.73 3.41
CA LEU A 193 17.87 11.45 3.98
C LEU A 193 19.07 10.60 4.35
N VAL A 194 18.91 9.86 5.44
CA VAL A 194 19.85 8.81 5.82
C VAL A 194 19.42 7.56 5.05
N THR A 195 20.36 6.93 4.32
CA THR A 195 20.03 5.78 3.49
C THR A 195 19.66 4.55 4.34
N THR A 196 18.78 3.71 3.79
CA THR A 196 18.49 2.43 4.42
C THR A 196 19.57 1.40 4.09
N ASN A 197 20.45 1.71 3.14
CA ASN A 197 21.47 0.76 2.73
C ASN A 197 22.45 0.46 3.87
N GLY A 198 22.61 -0.82 4.21
CA GLY A 198 23.47 -1.22 5.31
C GLY A 198 22.65 -1.72 6.49
N GLU A 199 21.38 -1.35 6.51
CA GLU A 199 20.46 -1.81 7.56
C GLU A 199 19.90 -3.17 7.21
N LEU A 200 20.15 -4.16 8.05
CA LEU A 200 19.74 -5.54 7.77
C LEU A 200 18.72 -6.09 8.76
N ASN A 201 18.42 -5.30 9.79
CA ASN A 201 17.46 -5.70 10.83
C ASN A 201 16.11 -5.01 10.64
N SER A 202 16.08 -3.68 10.81
CA SER A 202 14.90 -2.87 10.57
C SER A 202 15.30 -1.41 10.55
N PHE A 203 14.64 -0.62 9.72
CA PHE A 203 14.94 0.81 9.66
C PHE A 203 13.76 1.53 10.29
N TRP A 204 13.91 1.93 11.55
CA TRP A 204 12.74 2.45 12.27
C TRP A 204 12.40 3.87 11.85
N GLY A 205 13.43 4.73 11.79
CA GLY A 205 13.22 6.14 11.52
C GLY A 205 12.80 6.89 12.77
N ASP A 206 13.24 8.15 12.89
CA ASP A 206 12.88 8.95 14.05
C ASP A 206 12.06 10.20 13.70
N VAL A 207 11.75 10.39 12.42
CA VAL A 207 10.93 11.51 11.97
C VAL A 207 9.66 11.00 11.31
N ILE A 208 8.52 11.29 11.92
CA ILE A 208 7.24 10.82 11.41
C ILE A 208 6.71 11.81 10.38
N HIS A 209 6.32 11.29 9.22
CA HIS A 209 5.75 12.08 8.13
C HIS A 209 4.31 11.70 7.85
N VAL A 210 3.51 12.67 7.42
CA VAL A 210 2.22 12.37 6.76
C VAL A 210 2.27 13.02 5.39
N ASN A 211 1.99 12.22 4.37
CA ASN A 211 2.08 12.67 2.97
C ASN A 211 3.38 13.38 2.63
N GLY A 212 4.48 12.85 3.13
CA GLY A 212 5.80 13.35 2.78
C GLY A 212 6.31 14.48 3.64
N GLN A 213 5.49 14.95 4.58
CA GLN A 213 5.82 16.11 5.42
C GLN A 213 6.00 15.73 6.89
N PRO A 214 7.18 16.01 7.48
CA PRO A 214 7.33 15.76 8.92
C PRO A 214 6.33 16.52 9.76
N TRP A 215 5.73 15.84 10.73
CA TRP A 215 4.87 16.46 11.74
C TRP A 215 4.08 17.68 11.28
N PRO A 216 3.13 17.50 10.36
CA PRO A 216 2.35 18.62 9.82
C PRO A 216 1.19 19.02 10.73
N PHE A 217 0.48 20.07 10.33
CA PHE A 217 -0.82 20.39 10.91
C PHE A 217 -1.84 20.49 9.79
N LYS A 218 -3.11 20.37 10.14
CA LYS A 218 -4.19 20.70 9.21
C LYS A 218 -5.28 21.45 9.94
N ASN A 219 -5.72 22.58 9.35
CA ASN A 219 -6.91 23.26 9.82
C ASN A 219 -8.14 22.47 9.41
N VAL A 220 -8.99 22.13 10.38
CA VAL A 220 -10.20 21.40 10.06
C VAL A 220 -11.41 22.10 10.64
N GLU A 221 -12.58 21.80 10.07
CA GLU A 221 -13.85 22.29 10.57
C GLU A 221 -14.39 21.30 11.60
N PRO A 222 -15.22 21.79 12.54
CA PRO A 222 -15.80 20.89 13.55
C PRO A 222 -16.92 20.02 12.98
N ARG A 223 -16.51 19.02 12.19
CA ARG A 223 -17.43 18.07 11.57
C ARG A 223 -16.70 16.77 11.27
N LYS A 224 -17.36 15.87 10.55
CA LYS A 224 -16.79 14.57 10.23
C LYS A 224 -15.87 14.58 9.01
N TYR A 225 -14.73 13.90 9.15
CA TYR A 225 -13.76 13.68 8.07
C TYR A 225 -13.50 12.20 7.87
N ARG A 226 -13.28 11.81 6.62
CA ARG A 226 -12.82 10.47 6.28
C ARG A 226 -11.32 10.54 6.09
N PHE A 227 -10.59 9.71 6.83
CA PHE A 227 -9.13 9.65 6.74
C PHE A 227 -8.70 8.31 6.18
N ARG A 228 -7.91 8.31 5.12
CA ARG A 228 -7.47 7.05 4.55
C ARG A 228 -6.03 6.80 4.98
N PHE A 229 -5.87 6.02 6.03
CA PHE A 229 -4.54 5.72 6.55
C PHE A 229 -3.85 4.63 5.77
N LEU A 230 -2.59 4.88 5.43
CA LEU A 230 -1.70 3.87 4.86
C LEU A 230 -0.39 3.93 5.60
N ASP A 231 0.11 2.78 6.07
CA ASP A 231 1.47 2.73 6.62
C ASP A 231 2.43 2.38 5.48
N ALA A 232 3.07 3.41 4.94
CA ALA A 232 4.03 3.25 3.85
C ALA A 232 5.46 3.29 4.36
N ALA A 233 5.63 3.14 5.67
CA ALA A 233 6.96 3.13 6.25
C ALA A 233 7.76 1.89 5.85
N VAL A 234 9.09 2.02 5.92
CA VAL A 234 9.96 0.90 5.67
C VAL A 234 9.80 -0.21 6.74
N SER A 235 9.84 0.18 8.02
CA SER A 235 9.79 -0.80 9.10
C SER A 235 8.91 -0.39 10.29
N ARG A 236 8.44 0.85 10.36
CA ARG A 236 7.68 1.25 11.55
C ARG A 236 6.20 0.91 11.46
N SER A 237 5.72 0.23 12.51
CA SER A 237 4.31 -0.01 12.76
C SER A 237 3.78 1.05 13.73
N PHE A 238 2.47 1.30 13.68
CA PHE A 238 1.87 2.36 14.49
C PHE A 238 0.72 1.85 15.35
N GLY A 239 0.50 2.55 16.47
CA GLY A 239 -0.71 2.39 17.26
C GLY A 239 -1.33 3.78 17.36
N LEU A 240 -2.24 4.09 16.45
CA LEU A 240 -2.75 5.45 16.31
C LEU A 240 -3.88 5.77 17.28
N TYR A 241 -3.81 6.94 17.90
CA TYR A 241 -4.94 7.43 18.67
C TYR A 241 -4.99 8.95 18.55
N PHE A 242 -6.17 9.51 18.86
CA PHE A 242 -6.42 10.95 18.82
C PHE A 242 -6.56 11.45 20.25
N ALA A 243 -5.99 12.61 20.56
CA ALA A 243 -6.13 13.21 21.89
C ALA A 243 -6.14 14.72 21.80
N ASP A 244 -6.97 15.33 22.65
CA ASP A 244 -6.99 16.78 22.82
C ASP A 244 -5.66 17.20 23.46
N THR A 245 -5.05 18.27 22.95
CA THR A 245 -3.75 18.70 23.47
C THR A 245 -3.86 19.15 24.93
N ASP A 246 -5.09 19.42 25.39
CA ASP A 246 -5.35 19.76 26.79
C ASP A 246 -5.49 18.54 27.70
N ALA A 247 -5.63 17.37 27.08
CA ALA A 247 -5.72 16.10 27.81
C ALA A 247 -5.04 15.02 26.99
N ILE A 248 -3.72 15.11 26.90
CA ILE A 248 -2.94 14.37 25.91
C ILE A 248 -3.00 12.85 26.05
N ASP A 249 -3.64 12.37 27.11
CA ASP A 249 -3.67 10.94 27.41
C ASP A 249 -5.06 10.33 27.37
N THR A 250 -6.08 11.16 27.19
CA THR A 250 -7.43 10.68 26.97
C THR A 250 -7.61 10.37 25.48
N ARG A 251 -7.75 9.10 25.13
CA ARG A 251 -7.99 8.70 23.75
C ARG A 251 -9.42 9.01 23.34
N LEU A 252 -9.58 9.64 22.18
CA LEU A 252 -10.89 10.02 21.68
C LEU A 252 -11.41 8.96 20.70
N PRO A 253 -12.67 8.56 20.87
CA PRO A 253 -13.23 7.50 20.01
C PRO A 253 -13.36 7.93 18.56
N PHE A 254 -13.23 6.96 17.67
CA PHE A 254 -13.49 7.17 16.26
C PHE A 254 -14.06 5.89 15.67
N LYS A 255 -14.29 5.89 14.36
CA LYS A 255 -14.82 4.70 13.72
C LYS A 255 -13.93 4.27 12.57
N VAL A 256 -13.66 2.98 12.50
CA VAL A 256 -13.02 2.40 11.33
C VAL A 256 -14.10 1.91 10.38
N ILE A 257 -14.06 2.34 9.13
CA ILE A 257 -15.11 1.97 8.18
C ILE A 257 -14.60 1.06 7.05
N ALA A 258 -13.28 0.93 6.91
CA ALA A 258 -12.75 0.10 5.82
C ALA A 258 -11.38 -0.45 6.16
N SER A 259 -11.08 -1.62 5.60
N SER A 259 -11.04 -1.59 5.58
CA SER A 259 -9.76 -2.23 5.71
CA SER A 259 -9.71 -2.19 5.72
C SER A 259 -9.15 -2.35 4.30
C SER A 259 -8.95 -2.16 4.39
N ASP A 260 -8.09 -3.14 4.16
CA ASP A 260 -7.33 -3.22 2.89
C ASP A 260 -8.21 -3.39 1.68
N SER A 261 -9.19 -4.28 1.79
CA SER A 261 -9.94 -4.74 0.63
C SER A 261 -11.26 -4.03 0.47
N GLY A 262 -11.56 -3.07 1.34
CA GLY A 262 -12.82 -2.34 1.20
C GLY A 262 -13.57 -2.16 2.50
N LEU A 263 -14.81 -1.72 2.40
CA LEU A 263 -15.59 -1.40 3.59
C LEU A 263 -15.79 -2.59 4.52
N LEU A 264 -15.84 -2.32 5.80
CA LEU A 264 -16.29 -3.32 6.77
C LEU A 264 -17.79 -3.54 6.60
N GLU A 265 -18.31 -4.59 7.23
CA GLU A 265 -19.75 -4.81 7.26
C GLU A 265 -20.47 -3.71 8.05
N HIS A 266 -19.85 -3.31 9.16
CA HIS A 266 -20.36 -2.29 10.07
C HIS A 266 -19.17 -1.48 10.55
N PRO A 267 -19.37 -0.20 10.88
CA PRO A 267 -18.26 0.57 11.45
C PRO A 267 -17.76 -0.09 12.74
N ALA A 268 -16.45 -0.03 12.96
CA ALA A 268 -15.88 -0.53 14.20
C ALA A 268 -15.53 0.64 15.10
N ASP A 269 -16.22 0.76 16.22
CA ASP A 269 -15.89 1.80 17.19
C ASP A 269 -14.55 1.52 17.83
N THR A 270 -13.64 2.48 17.73
CA THR A 270 -12.24 2.26 18.03
C THR A 270 -11.67 3.49 18.74
N SER A 271 -10.75 3.28 19.69
CA SER A 271 -9.96 4.41 20.20
C SER A 271 -8.46 4.21 20.01
N LEU A 272 -8.07 3.03 19.53
CA LEU A 272 -6.66 2.74 19.22
C LEU A 272 -6.60 1.89 17.97
N LEU A 273 -5.88 2.35 16.95
CA LEU A 273 -5.81 1.60 15.69
C LEU A 273 -4.40 1.07 15.46
N TYR A 274 -4.22 -0.24 15.58
CA TYR A 274 -2.95 -0.86 15.19
C TYR A 274 -2.86 -0.84 13.67
N ILE A 275 -1.76 -0.34 13.12
CA ILE A 275 -1.58 -0.37 11.68
C ILE A 275 -0.11 -0.61 11.35
N SER A 276 0.16 -1.66 10.57
CA SER A 276 1.52 -2.05 10.22
C SER A 276 1.75 -1.84 8.73
N MET A 277 2.98 -2.09 8.29
CA MET A 277 3.40 -1.75 6.94
C MET A 277 2.49 -2.37 5.88
N ALA A 278 2.02 -1.50 5.00
CA ALA A 278 1.18 -1.79 3.82
C ALA A 278 -0.30 -1.94 4.15
N GLU A 279 -0.65 -1.91 5.43
CA GLU A 279 -2.07 -1.92 5.77
C GLU A 279 -2.73 -0.58 5.47
N ARG A 280 -3.98 -0.66 5.03
N ARG A 280 -3.99 -0.67 5.03
CA ARG A 280 -4.83 0.52 4.85
CA ARG A 280 -4.84 0.50 4.84
C ARG A 280 -6.09 0.40 5.68
C ARG A 280 -6.05 0.36 5.74
N TYR A 281 -6.37 1.43 6.46
CA TYR A 281 -7.62 1.52 7.21
C TYR A 281 -8.21 2.88 6.97
N GLU A 282 -9.51 2.92 6.73
CA GLU A 282 -10.21 4.19 6.58
C GLU A 282 -10.98 4.47 7.85
N VAL A 283 -10.83 5.70 8.34
CA VAL A 283 -11.35 6.14 9.62
C VAL A 283 -12.28 7.34 9.42
N VAL A 284 -13.38 7.38 10.15
CA VAL A 284 -14.11 8.64 10.25
C VAL A 284 -13.91 9.20 11.63
N PHE A 285 -13.40 10.43 11.70
CA PHE A 285 -13.28 11.16 12.95
C PHE A 285 -14.24 12.34 12.95
N ASP A 286 -14.92 12.53 14.07
CA ASP A 286 -15.90 13.60 14.21
C ASP A 286 -15.32 14.72 15.07
N PHE A 287 -14.95 15.84 14.44
CA PHE A 287 -14.38 16.94 15.19
C PHE A 287 -15.42 17.87 15.81
N SER A 288 -16.70 17.56 15.63
CA SER A 288 -17.75 18.50 16.02
C SER A 288 -17.81 18.77 17.53
N ASP A 289 -17.37 17.82 18.34
CA ASP A 289 -17.37 18.05 19.78
C ASP A 289 -16.11 18.77 20.25
N TYR A 290 -15.24 19.12 19.31
CA TYR A 290 -13.95 19.68 19.68
C TYR A 290 -13.69 21.02 19.00
N ALA A 291 -14.77 21.77 18.76
CA ALA A 291 -14.65 23.08 18.13
C ALA A 291 -13.72 23.96 18.94
N GLY A 292 -12.77 24.60 18.27
CA GLY A 292 -11.84 25.52 18.91
C GLY A 292 -10.68 24.84 19.60
N LYS A 293 -10.64 23.51 19.57
CA LYS A 293 -9.57 22.76 20.19
C LYS A 293 -8.54 22.32 19.16
N THR A 294 -7.40 21.84 19.65
CA THR A 294 -6.40 21.19 18.80
C THR A 294 -6.36 19.72 19.19
N ILE A 295 -6.52 18.87 18.18
CA ILE A 295 -6.48 17.43 18.38
C ILE A 295 -5.18 16.89 17.80
N GLU A 296 -4.41 16.19 18.62
CA GLU A 296 -3.16 15.59 18.16
C GLU A 296 -3.37 14.12 17.79
N LEU A 297 -2.93 13.76 16.59
CA LEU A 297 -2.85 12.36 16.20
C LEU A 297 -1.54 11.83 16.75
N ARG A 298 -1.62 10.79 17.56
CA ARG A 298 -0.45 10.27 18.28
C ARG A 298 -0.21 8.80 18.00
N ASN A 299 0.96 8.34 18.42
CA ASN A 299 1.42 6.98 18.16
C ASN A 299 1.84 6.35 19.48
N LEU A 300 1.20 5.24 19.81
CA LEU A 300 1.47 4.52 21.05
C LEU A 300 2.94 4.11 21.18
N GLY A 301 3.54 4.42 22.32
CA GLY A 301 4.91 4.05 22.60
C GLY A 301 5.07 2.65 23.17
N GLY A 302 6.28 2.35 23.67
CA GLY A 302 6.56 1.03 24.20
C GLY A 302 6.49 -0.03 23.11
N SER A 303 6.99 0.31 21.93
CA SER A 303 6.93 -0.56 20.76
C SER A 303 5.49 -1.02 20.49
N ILE A 304 4.65 -0.02 20.20
CA ILE A 304 3.22 -0.20 19.93
C ILE A 304 2.58 -1.05 21.05
N GLY A 305 2.80 -0.59 22.28
CA GLY A 305 2.21 -1.22 23.44
C GLY A 305 2.61 -2.68 23.62
N GLY A 306 3.81 -3.03 23.16
CA GLY A 306 4.30 -4.39 23.28
C GLY A 306 3.92 -5.35 22.15
N ILE A 307 3.11 -4.90 21.20
CA ILE A 307 2.81 -5.73 20.04
C ILE A 307 4.03 -5.82 19.12
N GLY A 308 4.76 -4.71 19.02
CA GLY A 308 5.91 -4.64 18.15
C GLY A 308 7.23 -4.70 18.88
N THR A 309 8.31 -4.47 18.13
CA THR A 309 9.66 -4.35 18.68
C THR A 309 10.29 -3.00 18.34
N ASP A 310 9.53 -2.16 17.63
CA ASP A 310 10.02 -0.89 17.09
C ASP A 310 10.72 -0.01 18.11
N THR A 311 11.84 0.61 17.74
CA THR A 311 12.45 1.61 18.61
C THR A 311 11.59 2.87 18.65
N ASP A 312 11.45 3.44 19.84
CA ASP A 312 10.73 4.69 20.02
C ASP A 312 11.74 5.81 20.27
N TYR A 313 11.53 6.96 19.63
CA TYR A 313 12.41 8.12 19.84
C TYR A 313 11.63 9.27 20.46
N ASP A 314 12.34 10.36 20.79
CA ASP A 314 11.74 11.54 21.43
C ASP A 314 10.39 11.96 20.86
N ASN A 315 10.24 11.92 19.55
CA ASN A 315 9.05 12.50 18.92
C ASN A 315 8.27 11.56 18.03
N THR A 316 8.53 10.26 18.13
CA THR A 316 7.80 9.34 17.28
C THR A 316 6.45 8.97 17.90
N ASP A 317 6.12 9.58 19.04
CA ASP A 317 4.79 9.44 19.62
C ASP A 317 3.84 10.48 19.04
N LYS A 318 4.38 11.36 18.21
CA LYS A 318 3.60 12.45 17.59
C LYS A 318 3.50 12.20 16.09
N VAL A 319 2.30 12.40 15.54
CA VAL A 319 2.12 12.25 14.09
C VAL A 319 1.75 13.60 13.44
N MET A 320 0.63 14.18 13.84
CA MET A 320 0.26 15.50 13.33
C MET A 320 -0.78 16.17 14.22
N ARG A 321 -1.09 17.43 13.92
CA ARG A 321 -2.11 18.15 14.67
C ARG A 321 -3.23 18.67 13.79
N PHE A 322 -4.45 18.57 14.32
CA PHE A 322 -5.63 19.12 13.69
C PHE A 322 -6.11 20.32 14.48
N VAL A 323 -6.10 21.50 13.86
CA VAL A 323 -6.58 22.69 14.52
C VAL A 323 -8.03 22.90 14.13
N VAL A 324 -8.94 22.74 15.09
CA VAL A 324 -10.37 22.76 14.79
C VAL A 324 -10.97 24.17 14.88
N ALA A 325 -11.61 24.59 13.79
CA ALA A 325 -12.29 25.89 13.75
C ALA A 325 -13.44 25.96 14.76
N ASP A 326 -13.90 27.17 15.06
CA ASP A 326 -15.01 27.37 15.96
C ASP A 326 -16.34 26.92 15.35
N ASP A 327 -16.46 27.03 14.03
CA ASP A 327 -17.71 26.65 13.36
C ASP A 327 -17.44 26.07 11.96
N THR A 328 -18.45 25.41 11.41
CA THR A 328 -18.40 24.91 10.04
C THR A 328 -18.81 26.00 9.06
N THR A 329 -18.30 25.90 7.83
CA THR A 329 -18.70 26.80 6.75
C THR A 329 -20.10 26.47 6.27
N GLN A 330 -20.31 25.19 5.99
CA GLN A 330 -21.60 24.66 5.56
C GLN A 330 -21.98 23.55 6.53
N PRO A 331 -23.28 23.26 6.67
CA PRO A 331 -23.69 22.16 7.55
C PRO A 331 -23.14 20.81 7.10
N ASP A 332 -22.78 19.98 8.08
CA ASP A 332 -22.30 18.63 7.81
C ASP A 332 -23.50 17.71 7.58
N THR A 333 -23.67 17.26 6.35
CA THR A 333 -24.82 16.42 6.01
C THR A 333 -24.39 14.98 5.74
N SER A 334 -23.11 14.68 6.00
CA SER A 334 -22.61 13.32 5.87
C SER A 334 -23.04 12.47 7.06
N VAL A 335 -23.01 11.16 6.87
CA VAL A 335 -23.32 10.22 7.94
C VAL A 335 -22.35 9.03 7.88
N VAL A 336 -22.36 8.23 8.94
CA VAL A 336 -21.70 6.94 8.93
C VAL A 336 -22.77 5.89 9.22
N PRO A 337 -23.24 5.20 8.19
CA PRO A 337 -24.34 4.24 8.37
C PRO A 337 -23.91 3.03 9.21
N ALA A 338 -24.84 2.46 9.97
CA ALA A 338 -24.56 1.24 10.73
C ALA A 338 -24.26 0.06 9.82
N ASN A 339 -24.90 0.03 8.66
CA ASN A 339 -24.68 -1.01 7.66
C ASN A 339 -23.93 -0.45 6.47
N LEU A 340 -22.70 -0.89 6.27
CA LEU A 340 -21.85 -0.35 5.23
C LEU A 340 -21.95 -1.14 3.93
N ARG A 341 -21.67 -2.45 4.01
CA ARG A 341 -21.84 -3.31 2.83
C ARG A 341 -21.94 -4.77 3.24
N ASP A 342 -22.38 -5.60 2.30
CA ASP A 342 -22.24 -7.05 2.43
C ASP A 342 -20.83 -7.45 1.99
N VAL A 343 -20.02 -7.92 2.93
CA VAL A 343 -18.63 -8.28 2.62
C VAL A 343 -18.56 -9.65 1.94
N PRO A 344 -17.87 -9.73 0.78
CA PRO A 344 -17.84 -10.99 0.03
C PRO A 344 -16.83 -12.02 0.54
N PHE A 345 -17.08 -12.55 1.73
CA PHE A 345 -16.17 -13.51 2.34
C PHE A 345 -16.08 -14.78 1.51
N PRO A 346 -14.90 -15.44 1.53
CA PRO A 346 -14.81 -16.73 0.85
C PRO A 346 -15.67 -17.81 1.50
N SER A 347 -16.01 -18.85 0.74
CA SER A 347 -16.69 -20.01 1.30
CA SER A 347 -16.69 -20.01 1.30
C SER A 347 -15.76 -20.70 2.29
N PRO A 348 -16.21 -20.87 3.55
CA PRO A 348 -15.30 -21.40 4.57
C PRO A 348 -14.79 -22.82 4.32
N THR A 349 -13.55 -23.11 4.74
N THR A 349 -13.57 -23.11 4.77
CA THR A 349 -12.99 -24.45 4.57
CA THR A 349 -12.98 -24.44 4.62
C THR A 349 -12.53 -25.10 5.89
C THR A 349 -12.65 -25.10 5.96
N THR A 350 -12.68 -26.43 5.96
CA THR A 350 -12.25 -27.21 7.12
C THR A 350 -10.90 -27.87 6.88
N ASN A 351 -10.33 -27.65 5.71
CA ASN A 351 -9.06 -28.28 5.41
C ASN A 351 -7.96 -27.71 6.29
N THR A 352 -7.07 -28.57 6.74
CA THR A 352 -5.94 -28.15 7.58
C THR A 352 -5.18 -26.98 6.98
N PRO A 353 -4.98 -25.91 7.76
CA PRO A 353 -4.22 -24.77 7.22
C PRO A 353 -2.79 -25.12 6.84
N ARG A 354 -2.32 -24.56 5.72
CA ARG A 354 -0.95 -24.64 5.27
C ARG A 354 -0.11 -23.74 6.16
N GLN A 355 1.02 -24.24 6.67
CA GLN A 355 1.83 -23.48 7.63
C GLN A 355 3.00 -22.76 6.99
N PHE A 356 3.17 -21.49 7.37
CA PHE A 356 4.33 -20.71 6.93
C PHE A 356 4.98 -20.05 8.13
N ARG A 357 6.29 -20.22 8.25
CA ARG A 357 7.03 -19.71 9.40
C ARG A 357 7.96 -18.59 9.00
N PHE A 358 7.86 -17.48 9.72
CA PHE A 358 8.57 -16.24 9.39
C PHE A 358 9.63 -16.01 10.46
N GLY A 359 10.89 -16.11 10.06
CA GLY A 359 11.99 -16.01 11.01
C GLY A 359 13.32 -15.77 10.35
N ARG A 360 14.39 -16.15 11.04
CA ARG A 360 15.73 -16.02 10.52
C ARG A 360 16.34 -17.38 10.25
N THR A 361 17.10 -17.46 9.18
CA THR A 361 17.95 -18.60 8.93
C THR A 361 19.37 -18.05 8.84
N GLY A 362 20.16 -18.25 9.89
CA GLY A 362 21.43 -17.55 10.00
C GLY A 362 21.20 -16.05 9.97
N PRO A 363 21.87 -15.34 9.05
CA PRO A 363 21.75 -13.90 8.91
C PRO A 363 20.56 -13.42 8.06
N THR A 364 19.77 -14.34 7.52
CA THR A 364 18.79 -14.01 6.49
C THR A 364 17.36 -14.16 6.98
N TRP A 365 16.52 -13.18 6.66
CA TRP A 365 15.10 -13.27 6.95
C TRP A 365 14.48 -14.23 5.95
N THR A 366 13.74 -15.24 6.44
CA THR A 366 13.27 -16.31 5.57
C THR A 366 11.82 -16.71 5.83
N ILE A 367 11.25 -17.42 4.85
CA ILE A 367 9.94 -18.07 4.98
C ILE A 367 10.14 -19.57 4.84
N ASN A 368 9.77 -20.33 5.86
CA ASN A 368 10.01 -21.77 5.90
C ASN A 368 11.47 -22.11 5.59
N GLY A 369 12.36 -21.22 6.02
CA GLY A 369 13.78 -21.43 5.87
C GLY A 369 14.34 -21.12 4.49
N VAL A 370 13.51 -20.57 3.60
CA VAL A 370 13.98 -20.25 2.25
C VAL A 370 14.00 -18.73 2.02
N ALA A 371 14.92 -18.32 1.17
CA ALA A 371 15.06 -16.92 0.75
C ALA A 371 14.62 -16.78 -0.70
N PHE A 372 14.13 -15.60 -1.07
CA PHE A 372 13.64 -15.38 -2.42
C PHE A 372 14.72 -15.57 -3.47
N ALA A 373 15.97 -15.32 -3.10
CA ALA A 373 17.10 -15.48 -4.01
C ALA A 373 17.24 -16.92 -4.49
N ASP A 374 16.68 -17.85 -3.71
CA ASP A 374 16.77 -19.28 -3.99
C ASP A 374 15.73 -19.68 -5.02
N VAL A 375 16.07 -19.52 -6.30
CA VAL A 375 15.14 -19.68 -7.41
C VAL A 375 14.49 -21.08 -7.43
N GLN A 376 15.27 -22.10 -7.08
CA GLN A 376 14.77 -23.47 -7.14
C GLN A 376 13.85 -23.87 -5.99
N ASN A 377 13.82 -23.06 -4.92
CA ASN A 377 13.06 -23.45 -3.73
C ASN A 377 12.03 -22.44 -3.26
N ARG A 378 11.91 -21.31 -3.96
CA ARG A 378 11.08 -20.24 -3.42
C ARG A 378 9.58 -20.42 -3.72
N LEU A 379 9.24 -21.35 -4.61
CA LEU A 379 7.84 -21.65 -4.89
C LEU A 379 7.31 -22.59 -3.83
N LEU A 380 6.60 -22.04 -2.84
CA LEU A 380 6.28 -22.81 -1.64
C LEU A 380 4.87 -23.41 -1.63
N ALA A 381 4.05 -23.06 -2.61
CA ALA A 381 2.70 -23.60 -2.66
C ALA A 381 2.13 -23.61 -4.06
N ASN A 382 1.45 -24.70 -4.40
CA ASN A 382 0.61 -24.82 -5.59
C ASN A 382 -0.85 -24.90 -5.16
N VAL A 383 -1.65 -23.96 -5.61
CA VAL A 383 -3.06 -23.91 -5.25
C VAL A 383 -3.92 -23.84 -6.51
N PRO A 384 -4.75 -24.85 -6.75
CA PRO A 384 -5.63 -24.78 -7.92
C PRO A 384 -6.56 -23.58 -7.89
N VAL A 385 -6.68 -22.86 -9.01
CA VAL A 385 -7.57 -21.72 -9.07
C VAL A 385 -8.99 -22.13 -8.68
N GLY A 386 -9.60 -21.35 -7.80
CA GLY A 386 -10.94 -21.65 -7.33
C GLY A 386 -10.98 -22.25 -5.93
N THR A 387 -9.81 -22.66 -5.44
CA THR A 387 -9.71 -23.27 -4.12
C THR A 387 -9.73 -22.21 -3.02
N VAL A 388 -10.43 -22.50 -1.93
CA VAL A 388 -10.30 -21.74 -0.70
C VAL A 388 -9.32 -22.48 0.21
N GLU A 389 -8.29 -21.76 0.65
CA GLU A 389 -7.32 -22.32 1.59
C GLU A 389 -7.16 -21.44 2.81
N ARG A 390 -6.96 -22.07 3.96
CA ARG A 390 -6.49 -21.36 5.14
C ARG A 390 -4.97 -21.47 5.22
N TRP A 391 -4.30 -20.36 5.48
CA TRP A 391 -2.87 -20.40 5.75
C TRP A 391 -2.63 -19.99 7.19
N GLU A 392 -1.79 -20.77 7.88
CA GLU A 392 -1.42 -20.45 9.26
C GLU A 392 -0.06 -19.77 9.22
N LEU A 393 -0.07 -18.48 9.58
CA LEU A 393 1.11 -17.64 9.47
C LEU A 393 1.73 -17.49 10.86
N ILE A 394 2.95 -17.99 10.99
CA ILE A 394 3.56 -18.20 12.29
C ILE A 394 4.77 -17.31 12.54
N ASN A 395 4.70 -16.51 13.61
CA ASN A 395 5.88 -15.82 14.13
C ASN A 395 6.20 -16.37 15.51
N ALA A 396 7.26 -17.17 15.60
CA ALA A 396 7.59 -17.77 16.88
C ALA A 396 8.42 -16.83 17.74
N GLY A 397 8.93 -15.77 17.12
CA GLY A 397 9.88 -14.88 17.77
C GLY A 397 9.29 -13.75 18.59
N ASN A 398 9.98 -13.41 19.66
CA ASN A 398 9.71 -12.20 20.42
C ASN A 398 10.51 -11.01 19.88
N GLY A 399 11.47 -11.30 19.00
CA GLY A 399 12.44 -10.30 18.58
C GLY A 399 12.19 -9.64 17.23
N TRP A 400 11.10 -9.99 16.57
CA TRP A 400 10.71 -9.34 15.33
C TRP A 400 9.20 -9.44 15.17
N THR A 401 8.65 -8.59 14.32
CA THR A 401 7.25 -8.71 13.91
C THR A 401 7.18 -8.56 12.40
N HIS A 402 6.09 -9.04 11.81
CA HIS A 402 6.05 -9.31 10.38
C HIS A 402 4.66 -9.12 9.83
N PRO A 403 4.44 -8.02 9.10
CA PRO A 403 3.15 -7.86 8.41
C PRO A 403 3.17 -8.58 7.07
N ILE A 404 2.37 -9.64 6.94
CA ILE A 404 2.48 -10.52 5.81
C ILE A 404 1.47 -10.17 4.73
N HIS A 405 1.97 -10.01 3.51
CA HIS A 405 1.16 -9.67 2.35
C HIS A 405 1.10 -10.87 1.42
N ILE A 406 -0.12 -11.27 1.03
CA ILE A 406 -0.29 -12.30 0.04
C ILE A 406 -0.86 -11.62 -1.21
N HIS A 407 -0.17 -11.72 -2.34
CA HIS A 407 -0.69 -11.12 -3.57
C HIS A 407 -1.90 -11.90 -4.09
N LEU A 408 -2.54 -11.34 -5.11
CA LEU A 408 -3.75 -11.86 -5.77
C LEU A 408 -5.02 -11.80 -4.90
N VAL A 409 -4.94 -12.32 -3.68
CA VAL A 409 -6.15 -12.59 -2.91
C VAL A 409 -6.58 -11.47 -1.96
N ASP A 410 -7.85 -11.53 -1.57
CA ASP A 410 -8.35 -10.87 -0.38
C ASP A 410 -8.56 -12.00 0.63
N PHE A 411 -8.29 -11.77 1.90
CA PHE A 411 -8.50 -12.83 2.90
C PHE A 411 -9.23 -12.35 4.13
N LYS A 412 -9.81 -13.31 4.83
CA LYS A 412 -10.47 -13.08 6.12
C LYS A 412 -9.53 -13.53 7.22
N VAL A 413 -9.35 -12.70 8.24
CA VAL A 413 -8.55 -13.09 9.40
C VAL A 413 -9.42 -14.00 10.28
N ILE A 414 -8.99 -15.25 10.44
CA ILE A 414 -9.76 -16.24 11.18
C ILE A 414 -9.45 -16.23 12.68
N SER A 415 -8.18 -16.13 13.02
CA SER A 415 -7.74 -16.23 14.40
C SER A 415 -6.36 -15.64 14.61
N ARG A 416 -6.12 -15.22 15.84
CA ARG A 416 -4.79 -14.78 16.27
C ARG A 416 -4.55 -15.25 17.68
N THR A 417 -3.42 -15.92 17.91
CA THR A 417 -2.99 -16.22 19.26
C THR A 417 -1.64 -15.58 19.51
N SER A 418 -1.54 -14.82 20.59
CA SER A 418 -0.28 -14.22 21.03
C SER A 418 0.33 -15.01 22.18
N GLY A 419 1.61 -15.36 22.05
CA GLY A 419 2.32 -16.05 23.12
C GLY A 419 2.53 -15.15 24.33
N ASN A 420 2.32 -13.86 24.15
CA ASN A 420 2.37 -12.91 25.26
C ASN A 420 0.99 -12.56 25.79
N ASN A 421 -0.03 -13.27 25.28
N ASN A 421 -0.03 -13.25 25.28
CA ASN A 421 -1.43 -13.03 25.63
CA ASN A 421 -1.44 -13.03 25.65
C ASN A 421 -1.81 -11.56 25.42
C ASN A 421 -1.86 -11.58 25.39
N ALA A 422 -1.28 -10.97 24.37
CA ALA A 422 -1.43 -9.53 24.13
C ALA A 422 -2.73 -9.12 23.46
N ARG A 423 -3.26 -9.98 22.58
CA ARG A 423 -4.46 -9.64 21.81
C ARG A 423 -4.91 -10.84 20.97
N THR A 424 -6.11 -10.75 20.40
CA THR A 424 -6.58 -11.75 19.44
C THR A 424 -6.96 -11.00 18.16
N VAL A 425 -8.05 -11.37 17.50
CA VAL A 425 -8.45 -10.66 16.27
C VAL A 425 -9.09 -9.32 16.63
N MET A 426 -8.71 -8.26 15.92
CA MET A 426 -9.21 -6.92 16.22
C MET A 426 -10.56 -6.69 15.53
N PRO A 427 -11.39 -5.81 16.11
CA PRO A 427 -12.70 -5.51 15.52
C PRO A 427 -12.59 -4.94 14.10
N TYR A 428 -11.54 -4.19 13.78
CA TYR A 428 -11.37 -3.67 12.43
C TYR A 428 -10.72 -4.67 11.48
N GLU A 429 -10.44 -5.87 11.98
CA GLU A 429 -10.02 -6.98 11.13
C GLU A 429 -11.21 -7.89 10.78
N SER A 430 -12.42 -7.38 10.94
CA SER A 430 -13.66 -8.16 10.71
C SER A 430 -14.00 -8.41 9.24
N GLY A 431 -13.39 -7.64 8.33
CA GLY A 431 -13.73 -7.71 6.93
C GLY A 431 -12.71 -8.47 6.10
N LEU A 432 -12.31 -7.90 4.97
CA LEU A 432 -11.32 -8.51 4.09
C LEU A 432 -10.07 -7.66 4.01
N LYS A 433 -8.94 -8.36 4.06
CA LYS A 433 -7.62 -7.74 4.15
C LYS A 433 -6.65 -8.41 3.17
N ASP A 434 -5.49 -7.79 2.95
CA ASP A 434 -4.46 -8.43 2.13
C ASP A 434 -3.08 -8.35 2.81
N VAL A 435 -3.03 -7.70 3.96
CA VAL A 435 -1.85 -7.70 4.84
C VAL A 435 -2.34 -8.01 6.24
N VAL A 436 -1.60 -8.82 7.00
CA VAL A 436 -1.95 -9.02 8.40
C VAL A 436 -0.68 -9.01 9.26
N TRP A 437 -0.76 -8.31 10.39
CA TRP A 437 0.39 -8.14 11.26
C TRP A 437 0.58 -9.29 12.23
N LEU A 438 1.69 -10.01 12.07
CA LEU A 438 2.12 -10.96 13.08
C LEU A 438 2.97 -10.23 14.09
N GLY A 439 2.36 -9.82 15.19
CA GLY A 439 3.09 -9.17 16.27
C GLY A 439 3.96 -10.19 17.01
N ARG A 440 4.59 -9.75 18.10
CA ARG A 440 5.49 -10.63 18.85
C ARG A 440 4.79 -11.94 19.21
N ARG A 441 5.43 -13.06 18.85
CA ARG A 441 4.93 -14.39 19.20
C ARG A 441 3.48 -14.62 18.76
N GLU A 442 3.10 -14.08 17.60
CA GLU A 442 1.73 -14.29 17.11
C GLU A 442 1.66 -15.30 15.99
N THR A 443 0.63 -16.14 16.06
CA THR A 443 0.25 -17.03 14.97
C THR A 443 -1.14 -16.62 14.52
N VAL A 444 -1.28 -16.39 13.22
CA VAL A 444 -2.53 -15.91 12.64
C VAL A 444 -2.98 -16.83 11.51
N VAL A 445 -4.24 -17.23 11.54
CA VAL A 445 -4.79 -17.98 10.42
C VAL A 445 -5.65 -17.07 9.56
N VAL A 446 -5.43 -17.11 8.25
CA VAL A 446 -6.24 -16.36 7.29
C VAL A 446 -6.88 -17.33 6.31
N GLU A 447 -7.99 -16.89 5.71
CA GLU A 447 -8.75 -17.73 4.79
C GLU A 447 -8.96 -16.96 3.49
N ALA A 448 -8.61 -17.58 2.37
CA ALA A 448 -8.66 -16.86 1.09
C ALA A 448 -9.13 -17.74 -0.07
N HIS A 449 -9.88 -17.14 -0.97
CA HIS A 449 -10.26 -17.76 -2.24
C HIS A 449 -9.16 -17.42 -3.25
N TYR A 450 -8.45 -18.44 -3.72
CA TYR A 450 -7.35 -18.27 -4.67
C TYR A 450 -7.92 -18.24 -6.08
N ALA A 451 -8.35 -17.04 -6.45
CA ALA A 451 -9.22 -16.85 -7.60
C ALA A 451 -9.20 -15.38 -7.99
N PRO A 452 -9.51 -15.06 -9.26
CA PRO A 452 -9.95 -15.95 -10.34
C PRO A 452 -8.91 -16.25 -11.40
N PHE A 453 -7.68 -15.77 -11.25
CA PHE A 453 -6.70 -15.84 -12.34
C PHE A 453 -5.52 -16.73 -11.99
N PRO A 454 -5.13 -17.63 -12.91
CA PRO A 454 -3.91 -18.42 -12.67
C PRO A 454 -2.66 -17.59 -12.87
N GLY A 455 -1.63 -17.92 -12.10
CA GLY A 455 -0.32 -17.33 -12.32
C GLY A 455 0.56 -17.53 -11.11
N VAL A 456 1.83 -17.17 -11.27
CA VAL A 456 2.79 -17.19 -10.18
C VAL A 456 2.81 -15.81 -9.50
N TYR A 457 2.58 -15.79 -8.20
CA TYR A 457 2.46 -14.56 -7.40
C TYR A 457 3.35 -14.59 -6.18
N MET A 458 3.66 -13.43 -5.63
CA MET A 458 4.52 -13.35 -4.45
C MET A 458 3.71 -13.36 -3.16
N PHE A 459 4.35 -13.80 -2.07
CA PHE A 459 3.89 -13.40 -0.74
C PHE A 459 5.14 -13.17 0.10
N HIS A 460 5.02 -12.26 1.06
CA HIS A 460 6.19 -11.79 1.75
C HIS A 460 5.85 -10.95 2.96
N CYS A 461 6.84 -10.74 3.80
CA CYS A 461 6.75 -9.72 4.83
C CYS A 461 6.86 -8.36 4.19
N HIS A 462 6.10 -7.39 4.72
CA HIS A 462 6.13 -6.05 4.14
C HIS A 462 6.94 -5.05 4.98
N ASN A 463 7.69 -5.55 5.95
CA ASN A 463 8.83 -4.81 6.48
C ASN A 463 9.87 -4.85 5.38
N LEU A 464 10.17 -3.71 4.75
CA LEU A 464 10.92 -3.76 3.52
C LEU A 464 12.37 -4.18 3.73
N ILE A 465 12.91 -3.97 4.91
CA ILE A 465 14.25 -4.50 5.24
C ILE A 465 14.22 -6.03 5.26
N HIS A 466 13.18 -6.60 5.87
CA HIS A 466 13.07 -8.07 5.90
C HIS A 466 12.87 -8.60 4.50
N GLU A 467 11.99 -7.94 3.76
CA GLU A 467 11.67 -8.35 2.39
C GLU A 467 12.92 -8.40 1.50
N ASP A 468 13.80 -7.40 1.63
CA ASP A 468 14.99 -7.32 0.80
C ASP A 468 16.06 -8.35 1.18
N HIS A 469 15.96 -8.89 2.40
CA HIS A 469 17.04 -9.75 2.93
C HIS A 469 16.54 -10.90 3.81
N ASP A 470 15.67 -11.80 3.36
CA ASP A 470 15.21 -11.99 1.98
C ASP A 470 13.84 -12.70 2.09
N MET A 471 12.95 -12.12 2.87
CA MET A 471 11.73 -12.79 3.37
C MET A 471 10.59 -12.70 2.38
N MET A 472 10.72 -13.43 1.29
N MET A 472 10.79 -13.35 1.24
CA MET A 472 9.76 -13.38 0.20
CA MET A 472 9.79 -13.42 0.19
C MET A 472 9.76 -14.72 -0.52
C MET A 472 9.70 -14.85 -0.32
N ALA A 473 8.56 -15.19 -0.90
CA ALA A 473 8.40 -16.46 -1.58
C ALA A 473 7.30 -16.33 -2.62
N ALA A 474 6.92 -17.45 -3.22
CA ALA A 474 5.92 -17.41 -4.28
C ALA A 474 4.96 -18.58 -4.17
N PHE A 475 3.77 -18.40 -4.73
CA PHE A 475 2.86 -19.50 -4.92
C PHE A 475 2.38 -19.49 -6.35
N ASN A 476 1.90 -20.62 -6.82
CA ASN A 476 1.38 -20.75 -8.17
C ASN A 476 -0.09 -21.10 -8.06
N ALA A 477 -0.95 -20.22 -8.53
CA ALA A 477 -2.38 -20.52 -8.62
C ALA A 477 -2.57 -21.22 -9.96
N THR A 478 -2.88 -22.52 -9.92
CA THR A 478 -2.71 -23.36 -11.10
C THR A 478 -4.02 -23.69 -11.81
N VAL A 479 -3.89 -23.98 -13.11
CA VAL A 479 -5.02 -24.50 -13.88
C VAL A 479 -4.58 -25.71 -14.70
N LEU A 480 -5.55 -26.48 -15.14
CA LEU A 480 -5.32 -27.62 -16.02
C LEU A 480 -5.03 -27.14 -17.45
N PRO A 481 -4.39 -27.99 -18.28
CA PRO A 481 -3.98 -27.56 -19.63
C PRO A 481 -5.12 -27.13 -20.56
N ASP A 482 -6.36 -27.55 -20.30
CA ASP A 482 -7.47 -27.21 -21.18
C ASP A 482 -8.29 -26.01 -20.69
N TYR A 483 -7.73 -25.27 -19.74
CA TYR A 483 -8.46 -24.18 -19.10
C TYR A 483 -8.82 -23.02 -20.06
N GLY A 484 -7.91 -22.67 -20.97
CA GLY A 484 -8.18 -21.60 -21.91
C GLY A 484 -7.84 -20.22 -21.38
N TYR A 485 -8.65 -19.22 -21.76
CA TYR A 485 -8.48 -17.84 -21.30
C TYR A 485 -7.07 -17.28 -21.53
N ASN A 486 -6.40 -17.77 -22.58
CA ASN A 486 -5.01 -17.38 -22.86
C ASN A 486 -4.11 -17.51 -21.65
N ALA A 487 -4.37 -18.51 -20.81
CA ALA A 487 -3.57 -18.65 -19.60
C ALA A 487 -2.10 -18.85 -19.88
N THR A 488 -1.75 -19.50 -20.99
N THR A 488 -1.77 -19.46 -21.02
CA THR A 488 -0.35 -19.78 -21.25
CA THR A 488 -0.38 -19.79 -21.36
C THR A 488 0.51 -18.51 -21.29
C THR A 488 0.52 -18.58 -21.60
N VAL A 489 -0.06 -17.39 -21.77
CA VAL A 489 0.74 -16.16 -21.82
C VAL A 489 0.55 -15.26 -20.59
N PHE A 490 -0.26 -15.70 -19.63
CA PHE A 490 -0.49 -14.88 -18.44
C PHE A 490 -0.07 -15.51 -17.11
N VAL A 491 0.49 -16.71 -17.11
N VAL A 491 0.51 -16.71 -17.13
CA VAL A 491 0.86 -17.31 -15.82
CA VAL A 491 0.88 -17.40 -15.89
C VAL A 491 2.27 -16.92 -15.38
C VAL A 491 2.33 -17.18 -15.43
N ASP A 492 3.17 -16.69 -16.33
CA ASP A 492 4.59 -16.44 -16.03
C ASP A 492 4.82 -14.93 -15.93
N PRO A 493 5.26 -14.45 -14.75
CA PRO A 493 5.42 -12.98 -14.64
C PRO A 493 6.50 -12.42 -15.56
N MET A 494 7.44 -13.26 -16.00
CA MET A 494 8.53 -12.79 -16.85
C MET A 494 8.27 -12.96 -18.34
N GLU A 495 7.03 -13.32 -18.69
CA GLU A 495 6.63 -13.51 -20.08
C GLU A 495 7.10 -12.37 -20.99
N GLU A 496 7.76 -12.72 -22.09
CA GLU A 496 8.42 -11.74 -22.94
C GLU A 496 7.46 -10.72 -23.52
N LEU A 497 6.24 -11.15 -23.83
CA LEU A 497 5.23 -10.27 -24.41
C LEU A 497 5.04 -9.00 -23.58
N TRP A 498 5.13 -9.13 -22.26
CA TRP A 498 4.77 -8.04 -21.35
C TRP A 498 6.00 -7.37 -20.72
N GLN A 499 7.19 -7.72 -21.19
CA GLN A 499 8.40 -7.15 -20.62
C GLN A 499 8.58 -5.67 -20.95
N ALA A 500 9.39 -4.99 -20.14
CA ALA A 500 9.77 -3.61 -20.42
C ALA A 500 10.42 -3.44 -21.81
N ARG A 501 10.30 -2.21 -22.33
CA ARG A 501 10.82 -1.84 -23.64
CA ARG A 501 10.81 -1.84 -23.64
C ARG A 501 11.66 -0.57 -23.55
N PRO A 502 12.72 -0.47 -24.36
CA PRO A 502 13.54 0.75 -24.31
C PRO A 502 12.83 1.93 -24.97
N TYR A 503 13.16 3.14 -24.53
CA TYR A 503 12.62 4.35 -25.15
C TYR A 503 13.73 5.41 -25.21
N GLU A 504 13.53 6.39 -26.08
CA GLU A 504 14.42 7.57 -26.12
C GLU A 504 13.70 8.75 -25.51
N LEU A 505 14.42 9.55 -24.72
CA LEU A 505 13.80 10.67 -24.01
C LEU A 505 13.11 11.63 -24.98
N GLY A 506 13.70 11.81 -26.15
CA GLY A 506 13.16 12.69 -27.17
C GLY A 506 11.74 12.34 -27.57
N GLU A 507 11.49 11.08 -27.88
CA GLU A 507 10.16 10.66 -28.30
C GLU A 507 9.18 10.76 -27.12
N PHE A 508 9.66 10.58 -25.90
CA PHE A 508 8.79 10.74 -24.75
C PHE A 508 8.38 12.20 -24.56
N GLN A 509 9.33 13.11 -24.58
CA GLN A 509 8.99 14.50 -24.37
C GLN A 509 8.21 15.08 -25.55
N ALA A 510 8.45 14.55 -26.74
CA ALA A 510 7.73 15.00 -27.94
C ALA A 510 6.37 14.32 -28.11
N GLN A 511 6.12 13.29 -27.29
CA GLN A 511 4.92 12.47 -27.40
C GLN A 511 4.73 11.99 -28.84
N SER A 512 5.80 11.40 -29.37
CA SER A 512 5.84 10.88 -30.73
C SER A 512 6.47 9.50 -30.69
N GLY A 513 6.65 8.88 -31.86
CA GLY A 513 7.22 7.53 -31.92
C GLY A 513 6.37 6.56 -31.12
N GLN A 514 7.00 5.86 -30.18
CA GLN A 514 6.28 4.92 -29.32
C GLN A 514 5.24 5.59 -28.45
N PHE A 515 5.30 6.93 -28.36
CA PHE A 515 4.40 7.69 -27.50
C PHE A 515 3.38 8.48 -28.31
N SER A 516 3.34 8.24 -29.62
CA SER A 516 2.31 8.88 -30.43
C SER A 516 0.94 8.29 -30.05
N VAL A 517 -0.12 9.02 -30.36
CA VAL A 517 -1.46 8.50 -30.08
C VAL A 517 -1.69 7.19 -30.82
N GLN A 518 -1.26 7.13 -32.07
CA GLN A 518 -1.42 5.92 -32.88
C GLN A 518 -0.70 4.73 -32.28
N ALA A 519 0.54 4.93 -31.86
CA ALA A 519 1.32 3.82 -31.29
C ALA A 519 0.74 3.32 -29.98
N VAL A 520 0.35 4.26 -29.11
CA VAL A 520 -0.24 3.88 -27.83
C VAL A 520 -1.54 3.14 -28.09
N THR A 521 -2.34 3.65 -29.01
CA THR A 521 -3.59 3.00 -29.35
C THR A 521 -3.38 1.59 -29.85
N GLU A 522 -2.47 1.41 -30.80
CA GLU A 522 -2.22 0.07 -31.33
C GLU A 522 -1.71 -0.88 -30.25
N ARG A 523 -0.84 -0.39 -29.37
CA ARG A 523 -0.30 -1.25 -28.32
CA ARG A 523 -0.30 -1.22 -28.30
C ARG A 523 -1.41 -1.67 -27.37
N ILE A 524 -2.22 -0.74 -26.91
N ILE A 524 -2.24 -0.75 -26.92
CA ILE A 524 -3.28 -1.09 -25.96
CA ILE A 524 -3.28 -1.09 -25.96
C ILE A 524 -4.35 -1.99 -26.60
C ILE A 524 -4.35 -1.99 -26.60
N GLN A 525 -4.70 -1.73 -27.85
CA GLN A 525 -5.69 -2.57 -28.50
C GLN A 525 -5.15 -4.00 -28.67
N THR A 526 -3.87 -4.14 -28.97
CA THR A 526 -3.25 -5.47 -29.02
C THR A 526 -3.27 -6.18 -27.65
N MET A 527 -2.93 -5.45 -26.59
N MET A 527 -2.91 -5.45 -26.59
CA MET A 527 -2.96 -6.02 -25.23
CA MET A 527 -2.97 -6.01 -25.24
C MET A 527 -4.38 -6.43 -24.85
C MET A 527 -4.39 -6.48 -24.92
N ALA A 528 -5.36 -5.62 -25.25
CA ALA A 528 -6.74 -5.91 -24.91
C ALA A 528 -7.28 -7.16 -25.59
N GLU A 529 -6.78 -7.46 -26.79
CA GLU A 529 -7.27 -8.62 -27.54
C GLU A 529 -6.93 -9.93 -26.85
N TYR A 530 -5.89 -9.93 -26.02
CA TYR A 530 -5.55 -11.14 -25.26
C TYR A 530 -6.54 -11.43 -24.13
N ARG A 531 -7.36 -10.44 -23.82
CA ARG A 531 -8.45 -10.59 -22.84
C ARG A 531 -7.99 -11.09 -21.46
N PRO A 532 -7.03 -10.39 -20.83
CA PRO A 532 -6.44 -10.89 -19.58
C PRO A 532 -7.43 -11.04 -18.41
N TYR A 533 -8.52 -10.28 -18.40
CA TYR A 533 -9.35 -10.27 -17.20
C TYR A 533 -10.73 -10.85 -17.44
N ALA A 534 -10.89 -11.54 -18.56
CA ALA A 534 -12.19 -12.08 -18.95
C ALA A 534 -12.76 -13.08 -17.95
N ALA A 535 -11.91 -13.78 -17.20
CA ALA A 535 -12.42 -14.81 -16.29
C ALA A 535 -13.15 -14.19 -15.10
N ALA A 536 -12.97 -12.90 -14.89
CA ALA A 536 -13.65 -12.19 -13.81
C ALA A 536 -15.02 -11.69 -14.27
N ASP A 537 -15.32 -11.90 -15.55
CA ASP A 537 -16.54 -11.41 -16.14
C ASP A 537 -17.48 -12.57 -16.45
C1 NAG B . 2.50 -22.67 -12.61
C2 NAG B . 3.77 -23.26 -13.24
C3 NAG B . 3.61 -23.42 -14.75
C4 NAG B . 2.31 -24.12 -15.11
C5 NAG B . 1.14 -23.44 -14.39
C6 NAG B . -0.19 -24.14 -14.62
C7 NAG B . 5.92 -22.79 -12.14
C8 NAG B . 7.03 -21.80 -11.97
N2 NAG B . 4.92 -22.42 -12.94
O3 NAG B . 4.72 -24.14 -15.27
O4 NAG B . 2.09 -23.98 -16.51
O5 NAG B . 1.39 -23.45 -12.98
O6 NAG B . -1.27 -23.33 -14.16
O7 NAG B . 5.92 -23.86 -11.56
C1 NAG B . 2.02 -25.21 -17.23
C2 NAG B . 1.38 -24.90 -18.57
C3 NAG B . 1.32 -26.16 -19.42
C4 NAG B . 2.68 -26.83 -19.51
C5 NAG B . 3.29 -26.99 -18.12
C6 NAG B . 4.71 -27.48 -18.14
C7 NAG B . -0.27 -23.07 -18.65
C8 NAG B . -1.70 -22.68 -18.43
N2 NAG B . 0.04 -24.34 -18.39
O3 NAG B . 0.85 -25.81 -20.72
O4 NAG B . 2.51 -28.14 -20.04
O5 NAG B . 3.31 -25.74 -17.43
O6 NAG B . 5.60 -26.46 -18.56
O7 NAG B . 0.57 -22.26 -19.05
C1 MAN B . 2.85 -28.34 -21.43
C2 MAN B . 3.60 -29.70 -21.47
C3 MAN B . 4.67 -29.71 -22.57
C4 MAN B . 4.19 -28.93 -23.80
C5 MAN B . 3.96 -27.43 -23.42
C6 MAN B . 2.88 -26.75 -24.24
O2 MAN B . 2.70 -30.77 -21.79
O3 MAN B . 5.07 -31.03 -22.93
O4 MAN B . 5.17 -29.02 -24.82
O5 MAN B . 3.64 -27.29 -21.99
O6 MAN B . 2.24 -27.72 -25.07
CU CU C . 9.25 -9.28 8.62
CU CU D . 2.69 -3.48 -1.08
CU CU E . 4.58 -7.78 -2.71
CU CU F . 0.78 -6.65 -3.00
C1 NAG G . -6.09 -14.93 -26.84
C2 NAG G . -7.57 -14.67 -27.17
C3 NAG G . -7.77 -14.47 -28.67
C4 NAG G . -6.79 -13.44 -29.22
C5 NAG G . -5.38 -13.84 -28.84
C6 NAG G . -4.32 -12.87 -29.33
C7 NAG G . -9.00 -15.81 -25.51
C8 NAG G . -9.79 -17.05 -25.20
N2 NAG G . -8.39 -15.78 -26.70
O3 NAG G . -9.12 -14.06 -28.92
O4 NAG G . -6.89 -13.38 -30.64
O5 NAG G . -5.29 -13.88 -27.41
O6 NAG G . -4.51 -11.58 -28.78
O7 NAG G . -8.90 -14.87 -24.71
C1 GOL H . 19.42 2.68 11.32
O1 GOL H . 19.84 2.26 10.04
C2 GOL H . 19.84 4.11 11.62
O2 GOL H . 20.63 4.60 10.55
C3 GOL H . 20.64 4.18 12.91
O3 GOL H . 19.89 3.67 14.00
C1 GOL I . 7.08 -25.15 15.87
O1 GOL I . 6.32 -26.25 16.33
C2 GOL I . 6.26 -23.85 15.98
O2 GOL I . 5.31 -23.83 14.94
C3 GOL I . 7.16 -22.62 15.90
O3 GOL I . 7.81 -22.54 14.63
#